data_8QGC
#
_entry.id   8QGC
#
_cell.length_a   63.107
_cell.length_b   74.728
_cell.length_c   118.239
_cell.angle_alpha   90.000
_cell.angle_beta   90.000
_cell.angle_gamma   90.000
#
_symmetry.space_group_name_H-M   'I 2 2 2'
#
loop_
_entity.id
_entity.type
_entity.pdbx_description
1 polymer 'NAD kinase 1'
2 non-polymer 'CITRIC ACID'
3 non-polymer 1-[[(2~{R},3~{S},4~{R},5~{R})-5-[8-[3-[[(2~{R},3~{S},4~{R},5~{R})-5-(6-aminopurin-9-yl)-3,4-bis(oxidanyl)oxolan-2-yl]methyl-methyl-amino]prop-1-ynyl]-6-azanyl-purin-9-yl]-3,4-bis(oxidanyl)oxolan-2-yl]methyl]-3-phenyl-urea
4 water water
#
_entity_poly.entity_id   1
_entity_poly.type   'polypeptide(L)'
_entity_poly.pdbx_seq_one_letter_code
;MKYMITSKGDEKSDLLRLNMIAGFGEYDMEYDDVEPEIVISIGGDGTFLSAFHQYEERLDEIAFIGIHTGHLGFYADWRP
AEADKLVKLLAKGEYQKVSYPLLKTTVKYGIGKKEATYLALNESTVKSSGGPFVVDVVINDIHFERFRGDGLCMSTPSGT
TAYNKSLGGALMHPSIEAMQLTEMASINNRVYRTIGSPLVFPKHHVVSLQPVNDKDFQISVDHLSILHRDVQEIRYEVSA
KKIHFARFRSFPFWRRVHDSFIEDLEHHHHHH
;
_entity_poly.pdbx_strand_id   A
#
loop_
_chem_comp.id
_chem_comp.type
_chem_comp.name
_chem_comp.formula
CIT non-polymer 'CITRIC ACID' 'C6 H8 O7'
UYP non-polymer 1-[[(2~{R},3~{S},4~{R},5~{R})-5-[8-[3-[[(2~{R},3~{S},4~{R},5~{R})-5-(6-aminopurin-9-yl)-3,4-bis(oxidanyl)oxolan-2-yl]methyl-methyl-amino]prop-1-ynyl]-6-azanyl-purin-9-yl]-3,4-bis(oxidanyl)oxolan-2-yl]methyl]-3-phenyl-urea 'C31 H35 N13 O7'
#
# COMPACT_ATOMS: atom_id res chain seq x y z
N MET A 1 24.72 -5.36 -9.53
CA MET A 1 23.66 -6.34 -9.31
C MET A 1 22.42 -5.96 -10.11
N LYS A 2 21.64 -6.96 -10.51
CA LYS A 2 20.50 -6.70 -11.38
C LYS A 2 19.61 -5.62 -10.80
N TYR A 3 19.01 -4.84 -11.69
CA TYR A 3 18.29 -3.64 -11.28
C TYR A 3 17.35 -3.23 -12.40
N MET A 4 16.30 -2.49 -12.03
CA MET A 4 15.41 -1.89 -13.01
C MET A 4 14.82 -0.61 -12.42
N ILE A 5 14.32 0.24 -13.33
CA ILE A 5 13.91 1.61 -13.02
C ILE A 5 12.68 1.96 -13.82
N THR A 6 11.67 2.50 -13.12
CA THR A 6 10.34 2.78 -13.64
C THR A 6 10.13 4.27 -13.70
N SER A 7 9.31 4.75 -14.67
CA SER A 7 9.24 6.19 -14.70
C SER A 7 7.80 6.65 -14.74
N LYS A 8 7.54 7.77 -14.05
CA LYS A 8 6.26 8.47 -14.18
C LYS A 8 5.99 8.79 -15.64
N GLY A 9 7.04 8.99 -16.43
CA GLY A 9 6.88 9.15 -17.86
C GLY A 9 6.71 10.57 -18.34
N ASP A 10 6.73 11.55 -17.44
CA ASP A 10 6.91 12.92 -17.87
C ASP A 10 8.38 13.16 -18.20
N GLU A 11 8.67 14.34 -18.71
CA GLU A 11 10.00 14.64 -19.22
C GLU A 11 11.06 14.56 -18.12
N LYS A 12 10.78 15.19 -16.97
CA LYS A 12 11.75 15.29 -15.88
C LYS A 12 12.23 13.91 -15.44
N SER A 13 11.31 12.95 -15.34
CA SER A 13 11.59 11.62 -14.80
C SER A 13 12.23 10.69 -15.81
N ASP A 14 11.88 10.81 -17.09
CA ASP A 14 12.52 9.97 -18.09
C ASP A 14 14.00 10.31 -18.20
N LEU A 15 14.33 11.60 -18.15
CA LEU A 15 15.72 12.05 -18.20
C LEU A 15 16.52 11.49 -17.04
N LEU A 16 16.01 11.70 -15.83
CA LEU A 16 16.68 11.20 -14.64
C LEU A 16 16.87 9.70 -14.71
N ARG A 17 15.95 9.00 -15.39
CA ARG A 17 16.09 7.56 -15.52
C ARG A 17 17.27 7.19 -16.42
N LEU A 18 17.40 7.87 -17.56
CA LEU A 18 18.51 7.54 -18.46
C LEU A 18 19.85 7.87 -17.83
N ASN A 19 19.95 9.00 -17.10
CA ASN A 19 21.20 9.34 -16.45
C ASN A 19 21.58 8.34 -15.36
N MET A 20 20.60 7.74 -14.68
CA MET A 20 20.93 6.72 -13.68
C MET A 20 21.45 5.44 -14.33
N ILE A 21 20.79 4.99 -15.40
CA ILE A 21 21.26 3.81 -16.14
C ILE A 21 22.68 4.01 -16.65
N ALA A 22 23.00 5.20 -17.16
CA ALA A 22 24.35 5.46 -17.61
C ALA A 22 25.34 5.34 -16.46
N GLY A 23 25.03 5.97 -15.33
CA GLY A 23 25.87 5.84 -14.16
C GLY A 23 26.01 4.40 -13.69
N PHE A 24 24.93 3.63 -13.79
CA PHE A 24 25.02 2.21 -13.50
C PHE A 24 25.94 1.50 -14.48
N GLY A 25 25.95 1.95 -15.74
CA GLY A 25 26.87 1.37 -16.70
C GLY A 25 28.33 1.61 -16.34
N GLU A 26 28.62 2.67 -15.58
CA GLU A 26 29.97 3.03 -15.15
C GLU A 26 30.44 2.21 -13.97
N TYR A 27 29.59 1.40 -13.43
CA TYR A 27 29.86 0.22 -12.64
C TYR A 27 29.42 -0.92 -13.55
N ASP A 28 29.38 -2.15 -13.07
CA ASP A 28 28.80 -3.13 -13.98
C ASP A 28 27.57 -3.69 -13.28
N MET A 29 26.51 -2.87 -13.26
CA MET A 29 25.18 -3.27 -12.79
C MET A 29 24.37 -3.70 -14.02
N GLU A 30 24.03 -4.97 -14.06
CA GLU A 30 23.24 -5.49 -15.16
C GLU A 30 21.79 -5.05 -15.05
N TYR A 31 21.31 -4.24 -16.01
CA TYR A 31 19.88 -3.96 -16.12
C TYR A 31 19.14 -5.21 -16.56
N ASP A 32 18.12 -5.56 -15.79
CA ASP A 32 17.24 -6.68 -16.06
C ASP A 32 15.89 -6.21 -15.54
N ASP A 33 14.88 -6.08 -16.38
CA ASP A 33 13.58 -5.72 -15.83
C ASP A 33 12.68 -6.92 -15.67
N VAL A 34 13.25 -8.11 -15.73
CA VAL A 34 12.53 -9.35 -15.56
C VAL A 34 12.79 -9.98 -14.20
N GLU A 35 14.06 -10.03 -13.79
CA GLU A 35 14.44 -10.49 -12.45
C GLU A 35 15.36 -9.51 -11.73
N PRO A 36 14.98 -8.23 -11.61
CA PRO A 36 15.84 -7.30 -10.84
C PRO A 36 15.94 -7.71 -9.37
N GLU A 37 17.00 -7.23 -8.72
CA GLU A 37 17.13 -7.35 -7.27
C GLU A 37 16.83 -6.03 -6.58
N ILE A 38 16.82 -4.95 -7.35
CA ILE A 38 16.68 -3.57 -6.89
C ILE A 38 15.73 -2.92 -7.86
N VAL A 39 14.66 -2.31 -7.36
CA VAL A 39 13.66 -1.69 -8.21
C VAL A 39 13.58 -0.22 -7.82
N ILE A 40 13.94 0.66 -8.75
CA ILE A 40 13.93 2.10 -8.49
C ILE A 40 12.73 2.72 -9.20
N SER A 41 11.99 3.54 -8.46
CA SER A 41 10.78 4.18 -8.93
C SER A 41 11.00 5.69 -8.95
N ILE A 42 10.55 6.35 -10.02
CA ILE A 42 10.89 7.74 -10.26
C ILE A 42 9.64 8.52 -10.62
N GLY A 43 9.23 9.43 -9.73
CA GLY A 43 8.05 10.24 -9.94
C GLY A 43 7.33 10.58 -8.65
N GLY A 44 6.31 9.78 -8.32
CA GLY A 44 5.54 9.97 -7.11
C GLY A 44 5.19 8.64 -6.47
N ASP A 45 4.51 8.71 -5.32
CA ASP A 45 4.10 7.48 -4.64
C ASP A 45 3.27 6.59 -5.55
N GLY A 46 2.43 7.20 -6.39
CA GLY A 46 1.71 6.43 -7.38
C GLY A 46 2.63 5.61 -8.26
N THR A 47 3.65 6.26 -8.82
CA THR A 47 4.65 5.52 -9.59
C THR A 47 5.23 4.37 -8.78
N PHE A 48 5.52 4.65 -7.51
CA PHE A 48 6.08 3.63 -6.64
C PHE A 48 5.11 2.47 -6.43
N LEU A 49 3.84 2.79 -6.13
CA LEU A 49 2.81 1.77 -6.01
C LEU A 49 2.84 0.84 -7.22
N SER A 50 2.86 1.43 -8.42
CA SER A 50 2.94 0.65 -9.65
C SER A 50 4.20 -0.20 -9.70
N ALA A 51 5.32 0.34 -9.21
CA ALA A 51 6.55 -0.47 -9.18
C ALA A 51 6.37 -1.67 -8.27
N PHE A 52 5.75 -1.46 -7.11
CA PHE A 52 5.49 -2.53 -6.16
C PHE A 52 4.60 -3.61 -6.79
N HIS A 53 3.50 -3.19 -7.42
CA HIS A 53 2.59 -4.18 -8.00
C HIS A 53 3.18 -4.87 -9.21
N GLN A 54 4.02 -4.16 -9.98
CA GLN A 54 4.69 -4.82 -11.09
C GLN A 54 5.55 -5.97 -10.64
N TYR A 55 5.93 -6.02 -9.36
CA TYR A 55 6.87 -7.04 -8.90
C TYR A 55 6.41 -7.71 -7.61
N GLU A 56 5.08 -7.83 -7.42
CA GLU A 56 4.58 -8.28 -6.13
C GLU A 56 4.72 -9.78 -5.89
N GLU A 57 5.16 -10.55 -6.88
CA GLU A 57 5.45 -11.96 -6.65
C GLU A 57 6.92 -12.23 -6.40
N ARG A 58 7.74 -11.20 -6.37
CA ARG A 58 9.15 -11.36 -6.02
C ARG A 58 9.52 -10.46 -4.83
N LEU A 59 8.55 -10.16 -3.98
CA LEU A 59 8.78 -9.20 -2.91
C LEU A 59 9.92 -9.64 -2.01
N ASP A 60 9.93 -10.90 -1.62
CA ASP A 60 10.96 -11.40 -0.72
C ASP A 60 12.36 -11.25 -1.36
N GLU A 61 12.46 -10.81 -2.62
CA GLU A 61 13.74 -10.76 -3.34
C GLU A 61 14.11 -9.40 -3.96
N ILE A 62 13.44 -8.32 -3.59
CA ILE A 62 13.66 -7.00 -4.20
C ILE A 62 13.76 -5.94 -3.11
N ALA A 63 14.68 -4.99 -3.26
CA ALA A 63 14.67 -3.77 -2.49
C ALA A 63 14.20 -2.61 -3.37
N PHE A 64 13.11 -1.96 -2.96
CA PHE A 64 12.56 -0.79 -3.63
C PHE A 64 13.19 0.49 -3.06
N ILE A 65 13.31 1.52 -3.92
CA ILE A 65 13.72 2.89 -3.57
C ILE A 65 12.79 3.86 -4.28
N GLY A 66 12.34 4.91 -3.60
CA GLY A 66 11.54 5.94 -4.23
C GLY A 66 12.36 7.24 -4.39
N ILE A 67 12.24 7.82 -5.58
CA ILE A 67 12.74 9.17 -5.84
C ILE A 67 11.55 10.01 -6.25
N HIS A 68 11.28 11.07 -5.51
CA HIS A 68 10.17 11.96 -5.85
C HIS A 68 10.69 13.09 -6.72
N THR A 69 10.22 13.15 -7.94
CA THR A 69 10.48 14.29 -8.80
C THR A 69 9.35 15.30 -8.75
N GLY A 70 8.25 14.95 -8.12
CA GLY A 70 7.26 15.95 -7.79
C GLY A 70 7.51 16.38 -6.37
N HIS A 71 6.48 16.27 -5.56
CA HIS A 71 6.62 16.45 -4.13
C HIS A 71 6.91 15.11 -3.47
N LEU A 72 7.65 15.22 -2.35
CA LEU A 72 7.93 14.08 -1.52
C LEU A 72 6.69 13.21 -1.40
N GLY A 73 6.89 11.90 -1.51
CA GLY A 73 5.89 10.93 -1.14
C GLY A 73 6.42 10.24 0.10
N PHE A 74 5.63 9.31 0.57
CA PHE A 74 6.08 8.53 1.69
C PHE A 74 6.94 7.36 1.28
N TYR A 75 6.70 6.85 0.09
CA TYR A 75 7.56 5.82 -0.44
C TYR A 75 8.69 6.40 -1.27
N ALA A 76 8.41 7.51 -1.94
CA ALA A 76 9.40 8.20 -2.77
C ALA A 76 10.10 9.26 -1.93
N ASP A 77 11.00 8.80 -1.06
CA ASP A 77 11.64 9.74 -0.14
C ASP A 77 13.10 9.97 -0.54
N TRP A 78 13.31 10.41 -1.77
CA TRP A 78 14.60 10.83 -2.27
C TRP A 78 14.37 11.96 -3.25
N ARG A 79 15.14 12.99 -3.13
CA ARG A 79 15.06 14.06 -4.11
C ARG A 79 15.89 13.67 -5.34
N PRO A 80 15.55 14.21 -6.53
CA PRO A 80 16.39 13.87 -7.69
C PRO A 80 17.85 14.21 -7.47
N ALA A 81 18.10 15.37 -6.88
CA ALA A 81 19.48 15.85 -6.71
C ALA A 81 20.36 14.79 -6.07
N GLU A 82 19.79 13.89 -5.28
CA GLU A 82 20.60 12.89 -4.62
C GLU A 82 20.83 11.65 -5.48
N ALA A 83 20.49 11.70 -6.77
CA ALA A 83 20.52 10.51 -7.60
C ALA A 83 21.93 9.94 -7.72
N ASP A 84 22.91 10.79 -8.08
CA ASP A 84 24.26 10.27 -8.29
C ASP A 84 24.80 9.58 -7.03
N LYS A 85 24.55 10.18 -5.86
CA LYS A 85 24.93 9.52 -4.60
C LYS A 85 24.26 8.15 -4.49
N LEU A 86 22.97 8.09 -4.81
CA LEU A 86 22.20 6.86 -4.75
C LEU A 86 22.86 5.75 -5.54
N VAL A 87 23.06 6.00 -6.84
CA VAL A 87 23.75 5.06 -7.72
C VAL A 87 25.02 4.54 -7.05
N LYS A 88 25.81 5.45 -6.49
CA LYS A 88 27.08 5.12 -5.87
C LYS A 88 26.92 4.07 -4.78
N LEU A 89 26.24 4.45 -3.70
CA LEU A 89 26.01 3.52 -2.60
C LEU A 89 25.29 2.27 -3.09
N LEU A 90 24.32 2.45 -3.99
CA LEU A 90 23.61 1.31 -4.57
C LEU A 90 24.55 0.30 -5.21
N ALA A 91 25.73 0.74 -5.64
CA ALA A 91 26.66 -0.18 -6.29
C ALA A 91 27.48 -0.94 -5.25
N LYS A 92 28.12 -0.21 -4.34
CA LYS A 92 28.97 -0.83 -3.32
C LYS A 92 28.19 -1.79 -2.42
N GLY A 93 26.87 -1.67 -2.36
CA GLY A 93 26.11 -2.54 -1.48
C GLY A 93 26.21 -2.03 -0.07
N GLU A 94 26.45 -2.93 0.89
CA GLU A 94 26.65 -2.55 2.29
C GLU A 94 25.56 -1.62 2.80
N TYR A 95 24.39 -1.71 2.16
CA TYR A 95 23.17 -1.03 2.57
C TYR A 95 22.29 -1.98 3.38
N GLN A 96 21.36 -1.40 4.14
CA GLN A 96 20.43 -2.12 5.01
C GLN A 96 19.03 -2.18 4.40
N LYS A 97 18.29 -3.24 4.77
CA LYS A 97 16.91 -3.45 4.31
C LYS A 97 15.95 -3.11 5.45
N VAL A 98 14.91 -2.32 5.18
CA VAL A 98 13.77 -2.24 6.09
C VAL A 98 12.55 -2.80 5.38
N SER A 99 11.71 -3.50 6.14
CA SER A 99 10.54 -4.18 5.62
C SER A 99 9.29 -3.55 6.21
N TYR A 100 8.34 -3.21 5.36
CA TYR A 100 7.07 -2.75 5.92
C TYR A 100 6.02 -3.85 5.74
N PRO A 101 5.07 -4.00 6.67
CA PRO A 101 4.04 -5.03 6.53
C PRO A 101 3.08 -4.71 5.40
N LEU A 102 2.40 -5.77 4.91
CA LEU A 102 1.46 -5.66 3.79
C LEU A 102 0.10 -6.25 4.19
N LEU A 103 -0.91 -6.02 3.35
CA LEU A 103 -2.29 -6.45 3.59
C LEU A 103 -2.72 -7.44 2.53
N LYS A 104 -3.22 -8.60 2.96
CA LYS A 104 -3.83 -9.57 2.07
C LYS A 104 -5.35 -9.38 2.08
N THR A 105 -5.93 -9.29 0.91
CA THR A 105 -7.37 -9.28 0.72
C THR A 105 -7.75 -10.55 -0.02
N THR A 106 -8.72 -11.29 0.51
CA THR A 106 -9.18 -12.51 -0.13
C THR A 106 -10.67 -12.36 -0.45
N VAL A 107 -11.04 -12.64 -1.70
CA VAL A 107 -12.39 -12.39 -2.24
C VAL A 107 -12.96 -13.71 -2.73
N LYS A 108 -13.90 -14.31 -1.98
CA LYS A 108 -14.54 -15.58 -2.34
C LYS A 108 -15.88 -15.36 -3.05
N TYR A 109 -16.13 -16.16 -4.09
CA TYR A 109 -17.33 -16.01 -4.91
C TYR A 109 -18.33 -17.18 -4.79
N LYS A 114 -14.48 -18.49 -7.96
CA LYS A 114 -13.44 -19.15 -7.18
C LYS A 114 -12.99 -18.30 -5.99
N GLU A 115 -11.72 -17.93 -5.96
CA GLU A 115 -11.15 -17.19 -4.85
C GLU A 115 -9.94 -16.41 -5.34
N ALA A 116 -9.92 -15.10 -5.10
CA ALA A 116 -8.84 -14.26 -5.59
C ALA A 116 -8.21 -13.48 -4.45
N THR A 117 -6.90 -13.37 -4.46
CA THR A 117 -6.20 -12.63 -3.42
C THR A 117 -5.43 -11.47 -4.01
N TYR A 118 -5.37 -10.39 -3.24
CA TYR A 118 -4.67 -9.16 -3.59
C TYR A 118 -3.76 -8.77 -2.45
N LEU A 119 -2.67 -8.09 -2.80
CA LEU A 119 -1.71 -7.57 -1.85
C LEU A 119 -1.74 -6.06 -1.97
N ALA A 120 -1.97 -5.37 -0.87
CA ALA A 120 -2.02 -3.91 -0.87
C ALA A 120 -0.82 -3.34 -0.13
N LEU A 121 -0.26 -2.25 -0.65
CA LEU A 121 0.73 -1.50 0.11
C LEU A 121 0.12 -0.30 0.83
N ASN A 122 -0.97 0.25 0.30
CA ASN A 122 -1.67 1.31 0.98
C ASN A 122 -2.91 0.80 1.71
N GLU A 123 -3.84 0.20 0.98
CA GLU A 123 -5.08 -0.16 1.62
C GLU A 123 -5.96 -0.89 0.61
N SER A 124 -6.94 -1.62 1.14
CA SER A 124 -7.97 -2.23 0.32
C SER A 124 -9.31 -1.66 0.73
N THR A 125 -10.00 -1.05 -0.21
CA THR A 125 -11.29 -0.50 0.10
C THR A 125 -12.38 -1.27 -0.63
N VAL A 126 -13.58 -1.15 -0.08
CA VAL A 126 -14.77 -1.79 -0.58
C VAL A 126 -15.86 -0.75 -0.61
N LYS A 127 -16.50 -0.63 -1.76
CA LYS A 127 -17.71 0.15 -1.84
C LYS A 127 -18.75 -0.67 -2.55
N SER A 128 -19.94 -0.09 -2.63
CA SER A 128 -21.01 -0.77 -3.31
C SER A 128 -21.06 -0.34 -4.77
N SER A 129 -21.62 -1.22 -5.59
CA SER A 129 -21.85 -0.94 -7.00
C SER A 129 -23.33 -0.59 -7.13
N GLY A 130 -23.63 0.70 -7.24
CA GLY A 130 -25.00 1.13 -7.37
C GLY A 130 -25.73 1.29 -6.04
N GLY A 131 -26.13 0.16 -5.44
CA GLY A 131 -27.00 0.19 -4.29
C GLY A 131 -26.26 0.65 -3.04
N PRO A 132 -26.99 0.70 -1.92
CA PRO A 132 -26.33 1.03 -0.65
C PRO A 132 -25.44 -0.11 -0.22
N PHE A 133 -24.42 0.25 0.52
CA PHE A 133 -23.43 -0.70 0.99
C PHE A 133 -23.85 -1.18 2.38
N VAL A 134 -24.17 -2.47 2.49
CA VAL A 134 -24.55 -3.08 3.75
C VAL A 134 -23.81 -4.40 3.86
N VAL A 135 -22.86 -4.47 4.78
CA VAL A 135 -22.26 -5.76 5.10
C VAL A 135 -22.30 -5.96 6.61
N ASP A 136 -22.38 -7.23 7.01
CA ASP A 136 -22.08 -7.64 8.37
C ASP A 136 -20.57 -7.79 8.50
N VAL A 137 -20.01 -7.34 9.62
CA VAL A 137 -18.56 -7.36 9.84
C VAL A 137 -18.25 -8.46 10.85
N VAL A 138 -17.34 -9.37 10.50
CA VAL A 138 -17.01 -10.53 11.32
C VAL A 138 -15.52 -10.55 11.63
N ILE A 139 -15.20 -10.63 12.92
CA ILE A 139 -13.83 -10.54 13.43
C ILE A 139 -13.51 -11.87 14.08
N ASN A 140 -12.59 -12.65 13.49
CA ASN A 140 -12.27 -13.99 14.00
C ASN A 140 -13.56 -14.77 14.27
N ASP A 141 -14.44 -14.80 13.26
CA ASP A 141 -15.69 -15.55 13.30
C ASP A 141 -16.71 -15.01 14.32
N ILE A 142 -16.58 -13.75 14.72
CA ILE A 142 -17.48 -13.15 15.70
CA ILE A 142 -17.44 -13.10 15.73
C ILE A 142 -18.22 -11.99 15.02
N HIS A 143 -19.58 -12.08 14.97
CA HIS A 143 -20.36 -11.01 14.35
C HIS A 143 -20.29 -9.75 15.19
N PHE A 144 -19.76 -8.68 14.60
CA PHE A 144 -19.42 -7.47 15.32
C PHE A 144 -20.39 -6.32 15.09
N GLU A 145 -20.72 -6.02 13.85
CA GLU A 145 -21.66 -4.94 13.57
C GLU A 145 -22.26 -5.20 12.21
N ARG A 146 -23.36 -4.53 11.93
CA ARG A 146 -23.90 -4.50 10.57
C ARG A 146 -23.71 -3.10 10.03
N PHE A 147 -22.76 -2.94 9.13
CA PHE A 147 -22.35 -1.63 8.64
C PHE A 147 -23.20 -1.21 7.47
N ARG A 148 -23.78 -0.01 7.56
CA ARG A 148 -24.50 0.59 6.46
C ARG A 148 -23.99 2.00 6.24
N GLY A 149 -23.31 2.21 5.13
CA GLY A 149 -22.69 3.49 4.85
C GLY A 149 -22.20 3.58 3.42
N ASP A 150 -21.13 4.37 3.21
CA ASP A 150 -20.52 4.44 1.88
C ASP A 150 -19.46 3.35 1.66
N GLY A 151 -18.74 2.93 2.69
CA GLY A 151 -17.83 1.83 2.48
C GLY A 151 -16.84 1.70 3.62
N LEU A 152 -15.81 0.90 3.35
CA LEU A 152 -14.82 0.60 4.36
C LEU A 152 -13.44 0.59 3.72
N CYS A 153 -12.46 0.97 4.53
CA CYS A 153 -11.08 1.08 4.12
C CYS A 153 -10.26 0.28 5.11
N MET A 154 -9.49 -0.67 4.59
CA MET A 154 -8.53 -1.41 5.40
C MET A 154 -7.15 -0.96 4.95
N SER A 155 -6.42 -0.34 5.87
CA SER A 155 -5.17 0.34 5.58
C SER A 155 -4.00 -0.40 6.22
N THR A 156 -2.87 -0.42 5.52
CA THR A 156 -1.61 -0.90 6.10
C THR A 156 -1.06 0.17 7.04
N PRO A 157 -0.02 -0.16 7.84
CA PRO A 157 0.66 0.89 8.62
C PRO A 157 1.11 2.07 7.76
N SER A 158 1.93 1.80 6.74
CA SER A 158 2.38 2.88 5.88
C SER A 158 1.26 3.48 5.06
N GLY A 159 0.14 2.77 4.92
CA GLY A 159 -1.02 3.35 4.27
C GLY A 159 -1.83 4.28 5.15
N THR A 160 -1.55 4.33 6.46
CA THR A 160 -2.38 5.16 7.33
C THR A 160 -2.17 6.64 7.09
N THR A 161 -1.06 7.02 6.50
CA THR A 161 -0.87 8.41 6.11
C THR A 161 -1.57 8.74 4.81
N ALA A 162 -2.19 7.75 4.18
CA ALA A 162 -2.81 7.90 2.87
C ALA A 162 -4.33 8.03 3.06
N TYR A 163 -5.13 7.25 2.34
CA TYR A 163 -6.59 7.26 2.45
C TYR A 163 -7.06 7.17 3.89
N ASN A 164 -6.58 6.15 4.61
CA ASN A 164 -6.89 5.98 6.02
C ASN A 164 -6.91 7.29 6.77
N LYS A 165 -5.86 8.11 6.58
CA LYS A 165 -5.77 9.38 7.29
C LYS A 165 -6.96 10.28 7.00
N SER A 166 -7.32 10.42 5.71
CA SER A 166 -8.47 11.23 5.34
C SER A 166 -9.77 10.70 5.90
N LEU A 167 -9.84 9.41 6.22
CA LEU A 167 -11.04 8.88 6.83
C LEU A 167 -11.02 9.00 8.34
N GLY A 168 -10.13 9.84 8.87
CA GLY A 168 -10.02 9.95 10.30
C GLY A 168 -9.29 8.80 10.95
N GLY A 169 -8.63 7.94 10.17
CA GLY A 169 -7.84 6.89 10.76
C GLY A 169 -6.66 7.44 11.55
N ALA A 170 -6.10 6.58 12.38
CA ALA A 170 -4.91 6.92 13.13
C ALA A 170 -3.68 6.70 12.26
N LEU A 171 -2.63 7.49 12.52
CA LEU A 171 -1.36 7.28 11.84
C LEU A 171 -0.52 6.30 12.65
N MET A 172 0.04 5.31 11.96
CA MET A 172 0.67 4.16 12.59
C MET A 172 2.10 4.03 12.10
N HIS A 173 3.03 3.77 13.01
CA HIS A 173 4.42 3.61 12.62
C HIS A 173 4.63 2.24 11.96
N PRO A 174 5.36 2.19 10.84
CA PRO A 174 5.30 0.99 9.97
C PRO A 174 5.88 -0.29 10.57
N SER A 175 6.69 -0.23 11.64
CA SER A 175 7.25 -1.44 12.24
C SER A 175 6.22 -2.29 12.95
N ILE A 176 5.03 -1.74 13.18
CA ILE A 176 3.93 -2.40 13.86
C ILE A 176 3.21 -3.30 12.87
N GLU A 177 3.15 -4.59 13.16
CA GLU A 177 2.50 -5.52 12.24
C GLU A 177 0.99 -5.53 12.51
N ALA A 178 0.23 -4.77 11.72
CA ALA A 178 -1.21 -4.61 11.93
C ALA A 178 -1.90 -4.08 10.68
N MET A 179 -3.22 -3.90 10.79
CA MET A 179 -4.11 -3.38 9.76
C MET A 179 -5.21 -2.55 10.43
N GLN A 180 -5.64 -1.48 9.76
CA GLN A 180 -6.57 -0.53 10.37
C GLN A 180 -7.82 -0.38 9.52
N LEU A 181 -8.99 -0.53 10.15
CA LEU A 181 -10.26 -0.42 9.47
C LEU A 181 -10.90 0.92 9.81
N THR A 182 -11.17 1.71 8.78
CA THR A 182 -11.85 2.99 8.91
C THR A 182 -13.20 2.90 8.25
N GLU A 183 -14.21 3.50 8.88
CA GLU A 183 -15.51 3.58 8.26
C GLU A 183 -15.52 4.67 7.20
N MET A 184 -16.45 4.54 6.26
CA MET A 184 -16.82 5.61 5.32
C MET A 184 -18.30 5.90 5.51
N ALA A 185 -18.63 6.94 6.27
CA ALA A 185 -19.96 7.54 6.34
C ALA A 185 -21.04 6.51 6.72
N SER A 186 -20.91 5.93 7.91
CA SER A 186 -21.93 5.03 8.41
CA SER A 186 -21.93 5.02 8.40
C SER A 186 -23.16 5.81 8.84
N ILE A 187 -24.32 5.23 8.60
CA ILE A 187 -25.54 5.79 9.16
C ILE A 187 -25.63 5.26 10.58
N ASN A 188 -26.03 6.10 11.53
CA ASN A 188 -26.15 5.60 12.90
C ASN A 188 -27.44 6.06 13.54
N ASN A 189 -28.23 5.08 13.95
CA ASN A 189 -29.51 5.28 14.63
C ASN A 189 -29.78 4.05 15.48
N ARG A 190 -30.85 4.10 16.28
CA ARG A 190 -31.21 2.94 17.09
C ARG A 190 -31.23 1.66 16.27
N VAL A 191 -31.55 1.79 14.97
CA VAL A 191 -31.64 0.65 14.04
C VAL A 191 -30.28 0.16 13.64
N TYR A 192 -29.48 1.08 13.14
CA TYR A 192 -28.19 0.80 12.58
C TYR A 192 -27.17 1.43 13.51
N ARG A 193 -26.23 0.64 13.96
CA ARG A 193 -25.32 1.08 14.98
C ARG A 193 -23.97 0.49 14.63
N THR A 194 -22.99 1.34 14.39
CA THR A 194 -21.65 0.88 14.15
C THR A 194 -20.72 1.51 15.19
N ILE A 195 -19.49 1.01 15.22
CA ILE A 195 -18.57 1.38 16.29
C ILE A 195 -18.08 2.82 16.14
N GLY A 196 -17.93 3.29 14.92
CA GLY A 196 -17.43 4.63 14.66
C GLY A 196 -15.92 4.72 14.58
N SER A 197 -15.26 4.33 15.65
CA SER A 197 -13.82 4.52 15.76
C SER A 197 -13.09 3.70 14.70
N PRO A 198 -11.92 4.16 14.26
CA PRO A 198 -11.02 3.25 13.55
C PRO A 198 -10.72 2.08 14.47
N LEU A 199 -10.68 0.89 13.88
CA LEU A 199 -10.27 -0.29 14.60
C LEU A 199 -8.93 -0.74 14.07
N VAL A 200 -8.09 -1.24 14.96
CA VAL A 200 -6.72 -1.59 14.59
C VAL A 200 -6.47 -3.03 15.01
N PHE A 201 -6.21 -3.91 14.03
CA PHE A 201 -6.13 -5.36 14.22
C PHE A 201 -4.71 -5.87 14.18
N PRO A 202 -4.41 -6.89 14.96
CA PRO A 202 -3.06 -7.46 14.91
C PRO A 202 -2.91 -8.56 13.87
N LYS A 203 -1.70 -9.09 13.81
CA LYS A 203 -1.45 -10.28 13.01
C LYS A 203 -2.38 -11.41 13.43
N HIS A 204 -2.79 -12.20 12.46
CA HIS A 204 -3.56 -13.42 12.63
C HIS A 204 -5.02 -13.14 12.90
N HIS A 205 -5.43 -11.90 13.18
CA HIS A 205 -6.86 -11.62 13.18
C HIS A 205 -7.34 -11.57 11.73
N VAL A 206 -8.46 -12.25 11.46
CA VAL A 206 -9.11 -12.20 10.15
C VAL A 206 -10.36 -11.35 10.30
N VAL A 207 -10.40 -10.24 9.57
CA VAL A 207 -11.61 -9.43 9.46
C VAL A 207 -12.30 -9.81 8.16
N SER A 208 -13.54 -10.28 8.28
CA SER A 208 -14.30 -10.84 7.19
C SER A 208 -15.59 -10.05 7.04
N LEU A 209 -15.94 -9.70 5.80
CA LEU A 209 -17.12 -8.91 5.51
C LEU A 209 -18.14 -9.83 4.84
N GLN A 210 -19.42 -9.70 5.20
CA GLN A 210 -20.41 -10.61 4.61
C GLN A 210 -21.63 -9.81 4.15
N PRO A 211 -21.99 -9.91 2.87
CA PRO A 211 -23.08 -9.10 2.33
C PRO A 211 -24.43 -9.60 2.82
N VAL A 212 -25.37 -8.66 2.87
CA VAL A 212 -26.69 -8.90 3.43
C VAL A 212 -27.67 -9.20 2.30
N ASN A 213 -27.85 -8.24 1.38
CA ASN A 213 -28.66 -8.41 0.18
C ASN A 213 -27.87 -8.21 -1.14
N ASP A 214 -27.57 -6.98 -1.59
CA ASP A 214 -26.79 -6.82 -2.83
C ASP A 214 -25.45 -7.52 -2.70
N LYS A 215 -25.03 -8.20 -3.77
CA LYS A 215 -23.82 -9.01 -3.73
C LYS A 215 -22.69 -8.44 -4.60
N ASP A 216 -22.87 -7.27 -5.19
CA ASP A 216 -21.85 -6.68 -6.05
C ASP A 216 -21.13 -5.54 -5.33
N PHE A 217 -19.81 -5.51 -5.47
CA PHE A 217 -18.98 -4.52 -4.80
C PHE A 217 -17.82 -4.10 -5.68
N GLN A 218 -17.37 -2.89 -5.41
CA GLN A 218 -16.20 -2.30 -6.02
C GLN A 218 -15.08 -2.39 -5.01
N ILE A 219 -14.06 -3.20 -5.31
CA ILE A 219 -12.93 -3.37 -4.40
C ILE A 219 -11.75 -2.62 -4.97
N SER A 220 -11.06 -1.87 -4.11
CA SER A 220 -9.94 -1.06 -4.52
C SER A 220 -8.71 -1.53 -3.78
N VAL A 221 -7.67 -1.84 -4.52
CA VAL A 221 -6.40 -2.20 -3.93
C VAL A 221 -5.38 -1.22 -4.47
N ASP A 222 -4.92 -0.32 -3.60
CA ASP A 222 -3.94 0.67 -3.98
C ASP A 222 -4.40 1.41 -5.23
N HIS A 223 -5.67 1.80 -5.26
CA HIS A 223 -6.28 2.65 -6.26
C HIS A 223 -6.59 1.91 -7.54
N LEU A 224 -6.31 0.61 -7.61
CA LEU A 224 -6.83 -0.22 -8.66
C LEU A 224 -8.25 -0.58 -8.29
N SER A 225 -9.21 -0.45 -9.20
CA SER A 225 -10.55 -0.72 -8.73
C SER A 225 -11.22 -1.71 -9.64
N ILE A 226 -11.41 -2.86 -9.08
CA ILE A 226 -12.03 -4.00 -9.72
C ILE A 226 -13.49 -3.97 -9.33
N LEU A 227 -14.37 -4.29 -10.27
CA LEU A 227 -15.72 -4.61 -9.86
C LEU A 227 -15.82 -6.11 -9.67
N HIS A 228 -16.34 -6.54 -8.53
CA HIS A 228 -16.56 -7.95 -8.25
C HIS A 228 -18.05 -8.24 -8.20
N ARG A 229 -18.42 -9.38 -8.80
CA ARG A 229 -19.79 -9.83 -8.95
C ARG A 229 -20.01 -11.10 -8.12
N ASP A 230 -21.23 -11.27 -7.61
CA ASP A 230 -21.67 -12.44 -6.82
C ASP A 230 -20.66 -12.79 -5.71
N VAL A 231 -20.46 -11.82 -4.80
CA VAL A 231 -19.45 -11.94 -3.74
C VAL A 231 -20.02 -12.69 -2.54
N GLN A 232 -19.22 -13.58 -1.97
CA GLN A 232 -19.61 -14.34 -0.78
C GLN A 232 -18.89 -13.93 0.50
N GLU A 233 -17.64 -13.47 0.39
CA GLU A 233 -16.82 -13.06 1.53
C GLU A 233 -15.69 -12.17 1.00
N ILE A 234 -15.30 -11.19 1.81
CA ILE A 234 -14.03 -10.47 1.70
C ILE A 234 -13.30 -10.70 3.01
N ARG A 235 -12.04 -11.10 2.94
CA ARG A 235 -11.32 -11.42 4.15
C ARG A 235 -10.06 -10.59 4.17
N TYR A 236 -9.85 -9.87 5.28
CA TYR A 236 -8.63 -9.09 5.43
C TYR A 236 -7.77 -9.70 6.51
N GLU A 237 -6.48 -9.83 6.23
CA GLU A 237 -5.54 -10.17 7.30
C GLU A 237 -4.21 -9.55 6.96
N VAL A 238 -3.40 -9.38 7.99
CA VAL A 238 -2.03 -8.95 7.78
C VAL A 238 -1.30 -10.06 7.03
N SER A 239 -0.66 -9.69 5.92
CA SER A 239 0.01 -10.65 5.04
C SER A 239 1.24 -11.24 5.71
N ALA A 240 1.63 -12.43 5.25
CA ALA A 240 2.93 -12.96 5.66
C ALA A 240 4.06 -12.28 4.89
N LYS A 241 3.84 -11.89 3.65
CA LYS A 241 4.85 -11.19 2.88
C LYS A 241 5.04 -9.76 3.40
N LYS A 242 6.24 -9.21 3.13
CA LYS A 242 6.60 -7.87 3.57
C LYS A 242 7.27 -7.20 2.39
N ILE A 243 7.21 -5.87 2.30
CA ILE A 243 7.99 -5.18 1.27
C ILE A 243 9.30 -4.75 1.88
N HIS A 244 10.38 -4.79 1.08
CA HIS A 244 11.69 -4.39 1.55
C HIS A 244 12.11 -3.08 0.90
N PHE A 245 12.67 -2.19 1.71
CA PHE A 245 13.17 -0.90 1.22
C PHE A 245 14.67 -0.87 1.39
N ALA A 246 15.36 -0.30 0.40
CA ALA A 246 16.78 -0.03 0.60
C ALA A 246 16.91 1.26 1.40
N ARG A 247 17.66 1.20 2.49
CA ARG A 247 17.85 2.33 3.38
C ARG A 247 19.30 2.76 3.33
N PHE A 248 19.54 3.98 2.86
CA PHE A 248 20.89 4.50 2.83
C PHE A 248 21.17 5.50 3.94
N ARG A 249 20.14 6.10 4.52
CA ARG A 249 20.36 7.02 5.62
C ARG A 249 19.13 7.04 6.50
N SER A 250 19.22 7.82 7.58
CA SER A 250 18.08 7.97 8.47
C SER A 250 17.10 8.94 7.84
N PHE A 251 15.88 8.47 7.65
CA PHE A 251 14.76 9.34 7.35
C PHE A 251 13.64 8.71 8.16
N PRO A 252 13.59 9.03 9.45
CA PRO A 252 12.58 8.41 10.29
C PRO A 252 11.20 8.76 9.78
N PHE A 253 10.36 7.78 9.96
CA PHE A 253 8.98 7.89 9.58
C PHE A 253 8.30 9.13 10.19
N TRP A 254 8.44 9.32 11.49
CA TRP A 254 7.78 10.50 12.06
C TRP A 254 8.38 11.76 11.47
N ARG A 255 9.69 11.80 11.24
CA ARG A 255 10.25 12.93 10.50
C ARG A 255 9.53 13.08 9.17
N ARG A 256 9.36 11.96 8.47
CA ARG A 256 8.67 11.98 7.18
C ARG A 256 7.25 12.53 7.31
N VAL A 257 6.55 12.11 8.37
CA VAL A 257 5.20 12.61 8.66
C VAL A 257 5.21 14.12 8.85
N HIS A 258 6.18 14.62 9.62
CA HIS A 258 6.29 16.06 9.90
C HIS A 258 6.39 16.87 8.63
N ASP A 259 7.29 16.44 7.73
CA ASP A 259 7.56 17.25 6.54
C ASP A 259 6.36 17.28 5.61
N SER A 260 5.55 16.22 5.60
CA SER A 260 4.42 16.15 4.67
C SER A 260 3.18 16.89 5.18
N PHE A 261 3.00 17.06 6.49
CA PHE A 261 1.74 17.62 6.97
C PHE A 261 1.87 18.89 7.83
N ILE A 262 2.99 19.10 8.52
CA ILE A 262 3.14 20.23 9.44
C ILE A 262 3.86 21.40 8.79
N GLU A 263 5.07 21.18 8.29
CA GLU A 263 5.89 22.30 7.80
C GLU A 263 6.67 21.88 6.56
C1 CIT B . 11.90 4.80 11.69
O1 CIT B . 10.87 5.46 11.45
O2 CIT B . 12.60 5.13 12.67
C2 CIT B . 12.33 3.62 10.85
C3 CIT B . 12.60 4.00 9.39
O7 CIT B . 13.22 5.31 9.29
C4 CIT B . 13.47 2.98 8.66
C5 CIT B . 14.91 3.42 8.72
O3 CIT B . 15.75 2.75 9.36
O4 CIT B . 15.29 4.46 8.12
C6 CIT B . 11.28 4.11 8.69
O5 CIT B . 10.58 3.08 8.52
O6 CIT B . 10.87 5.22 8.32
C4 UYP C . 0.57 8.84 0.48
C5 UYP C . 0.71 7.47 0.66
C6 UYP C . 1.14 6.96 1.88
C8 UYP C . 0.05 7.87 -1.34
N1 UYP C . 1.39 7.82 2.85
N3 UYP C . 0.84 9.64 1.51
C2 UYP C . 1.22 9.11 2.64
CAA UYP C . -3.05 7.52 -6.72
CAC UYP C . -1.15 7.33 -5.17
CAD UYP C . -0.72 7.48 -3.80
CAE UYP C . -0.37 7.65 -2.68
CAP UYP C . -0.13 10.40 -1.45
CAR UYP C . -1.38 11.69 -3.01
CAS UYP C . -1.47 10.71 -4.17
CAU UYP C . -4.00 10.86 -4.23
CAX UYP C . -6.39 10.58 -4.38
CAY UYP C . -7.41 9.69 -4.65
CAZ UYP C . -8.74 10.07 -4.56
CBA UYP C . -9.07 11.34 -4.08
CBB UYP C . -8.05 12.22 -3.73
CBC UYP C . -6.73 11.83 -3.85
CBD UYP C . 0.12 12.07 -3.02
CBF UYP C . 0.73 10.72 -2.67
CBH UYP C . -3.49 6.32 -4.68
CBI UYP C . -3.83 6.45 -3.19
CBK UYP C . -5.18 7.41 -1.61
CBL UYP C . -4.93 5.92 -1.36
CBN UYP C . -4.78 5.35 -2.75
CBQ UYP C . -7.60 7.43 -2.32
CBS UYP C . -8.16 9.19 -1.17
CBT UYP C . -6.83 8.95 -0.99
CBV UYP C . -6.63 10.75 0.42
CBX UYP C . -8.71 10.29 -0.51
N6 UYP C . 1.28 5.65 2.08
N7 UYP C . 0.38 6.89 -0.49
N9 UYP C . 0.15 9.06 -0.75
NAB UYP C . -2.64 7.36 -5.31
NAT UYP C . -2.85 10.16 -4.36
NAW UYP C . -5.11 10.14 -4.45
NBP UYP C . -6.51 7.91 -1.72
NBR UYP C . -8.62 8.25 -2.00
NBU UYP C . -6.08 9.72 -0.19
NBW UYP C . -7.91 11.03 0.28
NBY UYP C . -9.99 10.59 -0.64
OAQ UYP C . -1.50 10.76 -1.89
OAV UYP C . -4.01 12.09 -4.22
OBE UYP C . 0.47 13.14 -2.11
OBG UYP C . 2.07 10.92 -2.21
OBJ UYP C . -4.81 7.48 -3.04
OBM UYP C . -3.98 5.61 -0.34
OBO UYP C . -4.00 4.16 -2.59
#